data_4NTA
#
_entry.id   4NTA
#
_cell.length_a   169.575
_cell.length_b   169.575
_cell.length_c   169.575
_cell.angle_alpha   90.000
_cell.angle_beta   90.000
_cell.angle_gamma   90.000
#
_symmetry.space_group_name_H-M   'F 2 3'
#
loop_
_entity.id
_entity.type
_entity.pdbx_description
1 polymer 'Leukotriene C4 synthase'
2 non-polymer 'PALMITIC ACID'
3 non-polymer 'SULFATE ION'
#
_entity_poly.entity_id   1
_entity_poly.type   'polypeptide(L)'
_entity_poly.pdbx_seq_one_letter_code
;MHHHHHHKDEVALLATVTLVGVLLQAYFSLQVISARRAFHVSPPLTSGPPEFERVFRAQVNCSEYFPLFLATLWVAGIFF
HEGAAALCGLFYLFARLRYFQGYARSAQLRLTPLYASARALWLLVAMAALGLLVHFLPGTLRTALFRWLQMLLPMA
;
_entity_poly.pdbx_strand_id   A
#
loop_
_chem_comp.id
_chem_comp.type
_chem_comp.name
_chem_comp.formula
PLM non-polymer 'PALMITIC ACID' 'C16 H32 O2'
SO4 non-polymer 'SULFATE ION' 'O4 S -2'
#
# COMPACT_ATOMS: atom_id res chain seq x y z
N HIS A 5 -11.79 1.63 -29.40
CA HIS A 5 -12.11 2.31 -28.15
C HIS A 5 -11.10 1.91 -27.05
N HIS A 6 -10.31 2.87 -26.60
CA HIS A 6 -9.19 2.61 -25.70
C HIS A 6 -9.36 3.18 -24.28
N HIS A 7 -8.93 2.39 -23.29
CA HIS A 7 -9.04 2.77 -21.88
C HIS A 7 -7.71 2.71 -21.11
N LYS A 8 -6.59 2.56 -21.81
CA LYS A 8 -5.25 2.52 -21.17
C LYS A 8 -4.80 3.85 -20.53
N ASP A 9 -5.20 4.98 -21.11
CA ASP A 9 -4.70 6.31 -20.74
C ASP A 9 -5.09 6.73 -19.32
N GLU A 10 -6.30 6.35 -18.89
CA GLU A 10 -6.83 6.78 -17.60
C GLU A 10 -6.31 5.97 -16.41
N VAL A 11 -5.30 5.13 -16.66
CA VAL A 11 -4.96 4.03 -15.76
C VAL A 11 -3.46 3.75 -15.69
N ALA A 12 -2.70 4.40 -16.57
CA ALA A 12 -1.30 4.10 -16.77
C ALA A 12 -0.43 4.44 -15.58
N LEU A 13 -0.85 5.46 -14.82
CA LEU A 13 -0.10 5.87 -13.62
C LEU A 13 -0.31 4.87 -12.50
N LEU A 14 -1.57 4.46 -12.34
CA LEU A 14 -1.91 3.48 -11.34
C LEU A 14 -1.10 2.22 -11.60
N ALA A 15 -0.97 1.88 -12.88
CA ALA A 15 -0.31 0.65 -13.25
C ALA A 15 1.19 0.79 -13.05
N THR A 16 1.67 2.01 -13.22
CA THR A 16 3.09 2.23 -13.09
C THR A 16 3.52 2.21 -11.61
N VAL A 17 2.68 2.77 -10.74
CA VAL A 17 2.95 2.72 -9.31
C VAL A 17 2.86 1.26 -8.82
N THR A 18 1.82 0.57 -9.28
CA THR A 18 1.67 -0.85 -9.02
C THR A 18 2.95 -1.61 -9.34
N LEU A 19 3.54 -1.28 -10.49
CA LEU A 19 4.78 -1.93 -10.90
C LEU A 19 5.96 -1.54 -10.00
N VAL A 20 5.99 -0.28 -9.54
CA VAL A 20 7.00 0.16 -8.57
C VAL A 20 6.86 -0.73 -7.36
N GLY A 21 5.62 -0.86 -6.90
CA GLY A 21 5.31 -1.67 -5.73
C GLY A 21 5.81 -3.09 -5.89
N VAL A 22 5.55 -3.68 -7.05
CA VAL A 22 6.02 -5.02 -7.31
C VAL A 22 7.56 -5.12 -7.20
N LEU A 23 8.27 -4.12 -7.71
CA LEU A 23 9.74 -4.11 -7.72
C LEU A 23 10.27 -3.94 -6.29
N LEU A 24 9.71 -2.96 -5.59
CA LEU A 24 10.05 -2.71 -4.21
C LEU A 24 9.93 -4.01 -3.40
N GLN A 25 8.81 -4.69 -3.59
CA GLN A 25 8.51 -5.92 -2.88
C GLN A 25 9.52 -7.03 -3.19
N ALA A 26 9.95 -7.08 -4.45
CA ALA A 26 10.88 -8.11 -4.90
C ALA A 26 12.23 -7.87 -4.24
N TYR A 27 12.53 -6.60 -4.08
CA TYR A 27 13.77 -6.12 -3.50
C TYR A 27 13.86 -6.62 -2.07
N PHE A 28 12.75 -6.49 -1.34
CA PHE A 28 12.69 -6.93 0.05
C PHE A 28 12.96 -8.42 0.14
N SER A 29 12.29 -9.15 -0.73
CA SER A 29 12.41 -10.58 -0.82
C SER A 29 13.88 -10.98 -1.03
N LEU A 30 14.59 -10.16 -1.80
CA LEU A 30 15.97 -10.45 -2.15
C LEU A 30 16.88 -10.05 -1.00
N GLN A 31 16.55 -8.94 -0.33
CA GLN A 31 17.27 -8.53 0.87
C GLN A 31 17.11 -9.58 1.98
N VAL A 32 15.96 -10.24 2.04
CA VAL A 32 15.75 -11.32 3.00
C VAL A 32 16.62 -12.52 2.66
N ILE A 33 16.65 -12.92 1.39
CA ILE A 33 17.37 -14.11 0.96
C ILE A 33 18.89 -13.89 0.99
N SER A 34 19.30 -12.63 1.16
CA SER A 34 20.72 -12.29 1.32
C SER A 34 21.10 -12.29 2.80
N ALA A 35 20.18 -11.85 3.65
CA ALA A 35 20.41 -11.92 5.10
C ALA A 35 20.40 -13.38 5.55
N ARG A 36 19.52 -14.17 4.94
CA ARG A 36 19.42 -15.61 5.16
C ARG A 36 20.79 -16.30 5.22
N ARG A 37 21.55 -16.19 4.15
CA ARG A 37 22.90 -16.77 4.06
C ARG A 37 23.81 -16.16 5.12
N ALA A 38 23.68 -14.85 5.30
CA ALA A 38 24.60 -14.09 6.14
C ALA A 38 24.35 -14.14 7.67
N PHE A 39 23.84 -15.26 8.20
CA PHE A 39 23.50 -15.28 9.65
C PHE A 39 23.66 -16.51 10.59
N HIS A 40 23.71 -17.75 10.11
CA HIS A 40 23.56 -18.16 8.72
C HIS A 40 22.31 -18.97 8.73
N VAL A 41 21.20 -18.28 8.96
CA VAL A 41 19.89 -18.91 9.05
C VAL A 41 19.60 -19.69 7.78
N SER A 42 19.27 -20.96 7.94
CA SER A 42 19.04 -21.83 6.80
C SER A 42 17.55 -22.11 6.71
N PRO A 43 17.03 -22.25 5.48
CA PRO A 43 15.63 -22.63 5.29
C PRO A 43 15.35 -24.05 5.78
N PRO A 44 14.11 -24.36 6.21
CA PRO A 44 13.01 -23.39 6.31
C PRO A 44 12.98 -22.62 7.62
N LEU A 45 14.07 -22.66 8.39
CA LEU A 45 14.15 -21.85 9.61
C LEU A 45 13.97 -20.37 9.25
N THR A 46 13.10 -19.68 9.98
CA THR A 46 12.97 -18.21 9.82
C THR A 46 13.27 -17.49 11.15
N SER A 47 13.97 -18.19 12.03
CA SER A 47 14.40 -17.62 13.29
C SER A 47 15.92 -17.67 13.35
N GLY A 48 16.54 -16.67 13.97
CA GLY A 48 17.97 -16.61 14.06
C GLY A 48 18.38 -15.50 15.00
N PRO A 49 19.53 -14.86 14.71
CA PRO A 49 19.96 -13.65 15.42
C PRO A 49 18.85 -12.60 15.35
N PRO A 50 18.87 -11.60 16.24
CA PRO A 50 17.73 -10.69 16.35
C PRO A 50 17.71 -9.71 15.18
N GLU A 51 18.69 -9.84 14.29
CA GLU A 51 18.86 -8.93 13.18
C GLU A 51 18.24 -9.52 11.94
N PHE A 52 18.47 -10.81 11.75
CA PHE A 52 17.83 -11.50 10.65
C PHE A 52 16.33 -11.52 10.87
N GLU A 53 15.93 -11.65 12.14
CA GLU A 53 14.52 -11.71 12.47
C GLU A 53 13.85 -10.38 12.15
N ARG A 54 14.55 -9.29 12.44
CA ARG A 54 14.06 -7.96 12.12
C ARG A 54 13.84 -7.79 10.61
N VAL A 55 14.76 -8.33 9.81
CA VAL A 55 14.64 -8.20 8.36
C VAL A 55 13.50 -9.04 7.82
N PHE A 56 13.47 -10.31 8.22
CA PHE A 56 12.37 -11.21 7.87
C PHE A 56 11.02 -10.58 8.18
N ARG A 57 10.92 -9.89 9.31
CA ARG A 57 9.63 -9.39 9.72
C ARG A 57 9.19 -8.16 8.93
N ALA A 58 10.15 -7.29 8.62
CA ALA A 58 9.86 -6.14 7.77
C ALA A 58 9.19 -6.60 6.47
N GLN A 59 9.75 -7.65 5.89
CA GLN A 59 9.31 -8.20 4.61
C GLN A 59 7.89 -8.73 4.68
N VAL A 60 7.65 -9.55 5.70
CA VAL A 60 6.33 -10.08 6.02
C VAL A 60 5.28 -8.97 6.17
N ASN A 61 5.62 -7.93 6.94
CA ASN A 61 4.68 -6.86 7.20
C ASN A 61 4.29 -6.12 5.91
N CYS A 62 5.30 -5.82 5.10
CA CYS A 62 5.07 -5.14 3.84
C CYS A 62 4.19 -5.99 2.95
N SER A 63 4.55 -7.26 2.89
CA SER A 63 3.92 -8.22 2.02
C SER A 63 2.45 -8.50 2.43
N GLU A 64 2.16 -8.24 3.71
CA GLU A 64 0.82 -8.29 4.26
C GLU A 64 0.01 -7.08 3.77
N TYR A 65 0.65 -5.92 3.73
CA TYR A 65 -0.07 -4.67 3.49
C TYR A 65 -0.17 -4.36 2.02
N PHE A 66 0.61 -5.10 1.25
CA PHE A 66 0.76 -4.80 -0.15
C PHE A 66 -0.55 -4.93 -0.98
N PRO A 67 -1.38 -5.96 -0.71
CA PRO A 67 -2.68 -6.02 -1.40
C PRO A 67 -3.69 -4.97 -0.94
N LEU A 68 -3.63 -4.57 0.32
CA LEU A 68 -4.50 -3.50 0.77
C LEU A 68 -4.11 -2.25 0.00
N PHE A 69 -2.81 -2.06 -0.12
CA PHE A 69 -2.29 -0.92 -0.82
C PHE A 69 -2.74 -0.90 -2.29
N LEU A 70 -2.67 -2.05 -2.95
CA LEU A 70 -3.07 -2.19 -4.35
C LEU A 70 -4.56 -2.00 -4.54
N ALA A 71 -5.31 -2.69 -3.70
CA ALA A 71 -6.75 -2.56 -3.73
C ALA A 71 -7.17 -1.09 -3.70
N THR A 72 -6.66 -0.32 -2.74
CA THR A 72 -7.20 1.03 -2.52
C THR A 72 -6.64 1.94 -3.57
N LEU A 73 -5.45 1.62 -4.03
CA LEU A 73 -4.78 2.41 -5.04
C LEU A 73 -5.69 2.43 -6.26
N TRP A 74 -6.06 1.24 -6.73
CA TRP A 74 -7.02 1.11 -7.83
C TRP A 74 -8.40 1.70 -7.53
N VAL A 75 -8.90 1.58 -6.30
CA VAL A 75 -10.22 2.15 -6.06
C VAL A 75 -10.17 3.67 -5.96
N ALA A 76 -9.17 4.20 -5.26
CA ALA A 76 -9.03 5.64 -5.17
C ALA A 76 -8.76 6.20 -6.57
N GLY A 77 -7.89 5.52 -7.29
CA GLY A 77 -7.49 5.96 -8.62
C GLY A 77 -8.60 5.98 -9.66
N ILE A 78 -9.55 5.05 -9.55
CA ILE A 78 -10.69 4.98 -10.47
C ILE A 78 -11.90 5.82 -10.00
N PHE A 79 -12.11 6.00 -8.70
CA PHE A 79 -13.32 6.65 -8.23
C PHE A 79 -13.08 8.05 -7.69
N PHE A 80 -11.82 8.42 -7.54
CA PHE A 80 -11.56 9.74 -7.01
C PHE A 80 -10.67 10.57 -7.92
N HIS A 81 -9.42 10.16 -8.07
CA HIS A 81 -8.51 10.86 -8.97
C HIS A 81 -7.24 10.07 -9.21
N GLU A 82 -6.95 9.75 -10.46
CA GLU A 82 -5.75 8.96 -10.80
C GLU A 82 -4.41 9.53 -10.26
N GLY A 83 -4.13 10.79 -10.53
CA GLY A 83 -2.84 11.40 -10.17
C GLY A 83 -2.66 11.58 -8.67
N ALA A 84 -3.76 11.80 -7.97
CA ALA A 84 -3.74 11.95 -6.52
C ALA A 84 -3.47 10.60 -5.87
N ALA A 85 -4.21 9.59 -6.34
CA ALA A 85 -4.03 8.23 -5.86
C ALA A 85 -2.60 7.78 -6.17
N ALA A 86 -2.15 7.99 -7.40
CA ALA A 86 -0.78 7.65 -7.79
C ALA A 86 0.25 8.32 -6.88
N LEU A 87 -0.12 9.49 -6.38
CA LEU A 87 0.77 10.32 -5.57
C LEU A 87 0.97 9.75 -4.17
N CYS A 88 -0.11 9.47 -3.46
CA CYS A 88 0.00 8.77 -2.18
C CYS A 88 0.70 7.42 -2.35
N GLY A 89 0.35 6.73 -3.45
CA GLY A 89 0.98 5.48 -3.81
C GLY A 89 2.50 5.55 -3.72
N LEU A 90 3.05 6.64 -4.24
CA LEU A 90 4.50 6.84 -4.21
CA LEU A 90 4.50 6.83 -4.22
C LEU A 90 5.00 7.11 -2.80
N PHE A 91 4.33 8.01 -2.08
CA PHE A 91 4.73 8.33 -0.71
C PHE A 91 4.73 7.07 0.10
N TYR A 92 3.66 6.28 -0.08
CA TYR A 92 3.49 5.04 0.64
C TYR A 92 4.66 4.09 0.36
N LEU A 93 4.86 3.79 -0.92
CA LEU A 93 5.96 2.90 -1.30
C LEU A 93 7.28 3.41 -0.74
N PHE A 94 7.51 4.70 -0.90
CA PHE A 94 8.71 5.33 -0.36
C PHE A 94 8.82 5.10 1.14
N ALA A 95 7.75 5.40 1.86
CA ALA A 95 7.70 5.16 3.29
C ALA A 95 8.00 3.70 3.65
N ARG A 96 7.53 2.78 2.83
CA ARG A 96 7.75 1.37 3.10
C ARG A 96 9.18 0.97 2.76
N LEU A 97 9.85 1.75 1.91
CA LEU A 97 11.25 1.48 1.61
C LEU A 97 12.12 1.91 2.78
N ARG A 98 11.83 3.11 3.30
CA ARG A 98 12.46 3.60 4.53
C ARG A 98 12.16 2.67 5.69
N TYR A 99 10.95 2.10 5.70
CA TYR A 99 10.51 1.21 6.77
C TYR A 99 11.39 -0.03 6.83
N PHE A 100 11.58 -0.65 5.66
CA PHE A 100 12.35 -1.88 5.58
C PHE A 100 13.81 -1.64 5.96
N GLN A 101 14.30 -0.44 5.69
CA GLN A 101 15.70 -0.13 5.89
C GLN A 101 15.98 0.26 7.33
N GLY A 102 15.05 0.99 7.94
CA GLY A 102 15.12 1.28 9.34
C GLY A 102 15.11 -0.01 10.13
N TYR A 103 14.10 -0.84 9.88
CA TYR A 103 13.87 -2.08 10.61
C TYR A 103 15.12 -2.95 10.66
N ALA A 104 15.77 -3.11 9.51
CA ALA A 104 16.96 -3.95 9.36
C ALA A 104 18.10 -3.55 10.33
N ARG A 105 18.28 -2.24 10.46
CA ARG A 105 19.23 -1.67 11.40
C ARG A 105 18.69 -1.74 12.85
N SER A 106 17.49 -1.22 13.04
CA SER A 106 16.91 -1.09 14.38
C SER A 106 15.39 -1.26 14.33
N ALA A 107 14.83 -1.90 15.36
CA ALA A 107 13.37 -1.96 15.49
C ALA A 107 12.76 -0.57 15.71
N GLN A 108 13.51 0.32 16.34
CA GLN A 108 13.04 1.65 16.64
C GLN A 108 13.15 2.55 15.41
N LEU A 109 14.12 2.25 14.53
CA LEU A 109 14.32 3.05 13.30
C LEU A 109 13.32 2.68 12.18
N ARG A 110 12.41 1.76 12.47
CA ARG A 110 11.39 1.36 11.53
C ARG A 110 10.14 2.26 11.64
N LEU A 111 9.98 2.93 12.78
CA LEU A 111 8.72 3.55 13.16
C LEU A 111 8.33 4.85 12.43
N THR A 112 9.28 5.76 12.24
CA THR A 112 8.98 6.96 11.46
C THR A 112 8.47 6.62 10.04
N PRO A 113 9.16 5.70 9.32
CA PRO A 113 8.64 5.37 7.98
C PRO A 113 7.35 4.54 8.02
N LEU A 114 7.13 3.81 9.11
CA LEU A 114 5.87 3.12 9.33
C LEU A 114 4.73 4.13 9.52
N TYR A 115 4.98 5.12 10.36
CA TYR A 115 4.02 6.19 10.61
C TYR A 115 3.70 6.93 9.31
N ALA A 116 4.74 7.14 8.50
CA ALA A 116 4.58 7.77 7.18
C ALA A 116 3.79 6.85 6.23
N SER A 117 4.10 5.55 6.26
CA SER A 117 3.39 4.59 5.43
C SER A 117 1.92 4.50 5.84
N ALA A 118 1.64 4.64 7.13
CA ALA A 118 0.27 4.53 7.62
C ALA A 118 -0.56 5.73 7.19
N ARG A 119 0.07 6.90 7.15
CA ARG A 119 -0.64 8.09 6.73
C ARG A 119 -1.03 7.96 5.27
N ALA A 120 -0.04 7.75 4.40
CA ALA A 120 -0.25 7.61 2.96
C ALA A 120 -1.36 6.60 2.66
N LEU A 121 -1.35 5.50 3.41
CA LEU A 121 -2.32 4.43 3.21
C LEU A 121 -3.73 4.86 3.62
N TRP A 122 -3.85 5.49 4.78
CA TRP A 122 -5.15 5.95 5.25
C TRP A 122 -5.73 7.05 4.37
N LEU A 123 -4.85 7.87 3.81
CA LEU A 123 -5.26 8.82 2.80
C LEU A 123 -5.93 8.08 1.63
N LEU A 124 -5.24 7.10 1.06
CA LEU A 124 -5.80 6.30 -0.02
C LEU A 124 -7.19 5.76 0.31
N VAL A 125 -7.39 5.36 1.56
CA VAL A 125 -8.67 4.80 1.95
C VAL A 125 -9.77 5.84 1.95
N ALA A 126 -9.46 7.04 2.43
CA ALA A 126 -10.43 8.11 2.47
C ALA A 126 -10.90 8.48 1.07
N MET A 127 -9.93 8.70 0.19
CA MET A 127 -10.22 9.03 -1.21
C MET A 127 -11.07 7.95 -1.86
N ALA A 128 -10.71 6.70 -1.63
CA ALA A 128 -11.51 5.59 -2.12
C ALA A 128 -12.93 5.68 -1.56
N ALA A 129 -13.04 5.82 -0.24
CA ALA A 129 -14.34 6.03 0.42
C ALA A 129 -15.14 7.23 -0.13
N LEU A 130 -14.49 8.38 -0.29
CA LEU A 130 -15.14 9.56 -0.86
C LEU A 130 -15.59 9.36 -2.31
N GLY A 131 -14.75 8.72 -3.12
CA GLY A 131 -15.12 8.44 -4.49
C GLY A 131 -16.31 7.49 -4.58
N LEU A 132 -16.40 6.53 -3.66
CA LEU A 132 -17.55 5.63 -3.64
C LEU A 132 -18.81 6.33 -3.15
N LEU A 133 -18.64 7.28 -2.23
CA LEU A 133 -19.76 8.06 -1.74
C LEU A 133 -20.39 8.86 -2.88
N VAL A 134 -19.55 9.61 -3.60
CA VAL A 134 -20.02 10.36 -4.76
C VAL A 134 -20.82 9.52 -5.71
N HIS A 135 -20.25 8.36 -6.00
CA HIS A 135 -20.90 7.51 -6.94
C HIS A 135 -22.25 7.05 -6.39
N PHE A 136 -22.27 6.67 -5.13
CA PHE A 136 -23.43 5.99 -4.58
C PHE A 136 -24.46 6.91 -3.89
N LEU A 137 -23.99 7.97 -3.26
CA LEU A 137 -24.85 8.83 -2.45
C LEU A 137 -25.99 9.54 -3.19
N PRO A 138 -25.70 10.22 -4.32
CA PRO A 138 -26.80 10.89 -5.02
C PRO A 138 -27.95 9.95 -5.40
N GLY A 139 -27.68 8.90 -6.16
CA GLY A 139 -28.71 7.97 -6.58
C GLY A 139 -29.56 7.48 -5.42
N THR A 140 -28.95 7.37 -4.25
CA THR A 140 -29.66 6.86 -3.09
C THR A 140 -30.44 7.96 -2.34
N LEU A 141 -29.86 9.14 -2.25
CA LEU A 141 -30.57 10.29 -1.73
C LEU A 141 -31.75 10.64 -2.63
N ARG A 142 -31.54 10.57 -3.94
CA ARG A 142 -32.59 10.82 -4.91
C ARG A 142 -33.79 9.93 -4.63
N THR A 143 -33.53 8.65 -4.42
CA THR A 143 -34.59 7.67 -4.17
C THR A 143 -35.16 7.73 -2.76
N ALA A 144 -34.37 8.25 -1.83
CA ALA A 144 -34.87 8.48 -0.47
C ALA A 144 -35.98 9.52 -0.58
N LEU A 145 -35.69 10.58 -1.33
CA LEU A 145 -36.62 11.68 -1.53
C LEU A 145 -37.80 11.29 -2.43
N PHE A 146 -38.01 9.99 -2.59
CA PHE A 146 -39.18 9.49 -3.30
C PHE A 146 -40.19 8.84 -2.38
N ARG A 147 -39.69 8.19 -1.33
CA ARG A 147 -40.56 7.61 -0.32
C ARG A 147 -41.45 8.71 0.25
N TRP A 148 -40.81 9.77 0.77
CA TRP A 148 -41.55 10.87 1.39
C TRP A 148 -42.18 11.82 0.36
N LEU A 149 -42.89 11.25 -0.62
CA LEU A 149 -43.48 12.02 -1.71
C LEU A 149 -44.26 11.12 -2.67
N GLN A 150 -45.60 11.10 -2.68
CA GLN A 150 -46.53 11.40 -1.56
C GLN A 150 -46.97 12.84 -1.22
N MET A 151 -48.00 13.30 -1.93
CA MET A 151 -48.66 14.58 -1.68
C MET A 151 -50.18 14.49 -1.82
C1 PLM B . -26.01 16.43 -2.92
C2 PLM B . -26.62 15.03 -3.30
C3 PLM B . -28.14 14.83 -3.02
C4 PLM B . -29.09 15.35 -4.12
C5 PLM B . -30.11 14.31 -4.68
C6 PLM B . -29.62 13.45 -5.89
C7 PLM B . -30.07 13.96 -7.29
C8 PLM B . -29.80 12.98 -8.50
C9 PLM B . -28.51 13.30 -9.29
CA PLM B . -28.58 12.93 -10.79
C1 PLM C . -19.22 3.82 0.61
C2 PLM C . -20.38 2.78 0.76
C3 PLM C . -21.57 2.92 -0.21
C4 PLM C . -21.94 1.62 -0.96
C5 PLM C . -23.37 1.10 -0.67
C6 PLM C . -23.89 0.01 -1.66
C7 PLM C . -25.44 -0.06 -1.79
C8 PLM C . -26.00 0.09 -3.24
C9 PLM C . -27.53 0.36 -3.32
CA PLM C . -28.15 0.14 -4.72
C1 PLM D . 18.71 1.62 -1.70
C2 PLM D . 18.22 0.86 -3.01
C3 PLM D . 16.73 0.51 -3.08
C4 PLM D . 16.26 -0.14 -4.40
C5 PLM D . 14.72 -0.12 -4.60
C6 PLM D . 14.22 -0.75 -5.92
C7 PLM D . 12.82 -0.27 -6.35
C8 PLM D . 12.81 0.54 -7.66
C1 PLM E . -19.45 -1.09 1.69
C2 PLM E . -20.68 -2.02 1.93
C3 PLM E . -21.73 -2.05 0.79
C4 PLM E . -21.78 -3.39 0.02
C5 PLM E . -23.02 -3.52 -0.87
C6 PLM E . -23.26 -4.93 -1.46
C7 PLM E . -24.74 -5.16 -1.83
C8 PLM E . -25.01 -6.40 -2.71
C9 PLM E . -26.37 -6.34 -3.45
CA PLM E . -26.76 -7.63 -4.21
S SO4 F . 4.30 -3.41 13.06
O1 SO4 F . 5.51 -2.99 12.34
O2 SO4 F . 3.18 -3.48 12.12
O3 SO4 F . 4.53 -4.74 13.63
O4 SO4 F . 3.99 -2.48 14.15
S SO4 G . 17.58 -2.28 17.99
O1 SO4 G . 17.97 -3.52 17.30
O2 SO4 G . 16.29 -1.83 17.47
O3 SO4 G . 17.42 -2.54 19.42
O4 SO4 G . 18.60 -1.26 17.77
#